data_6DC8
#
_entry.id   6DC8
#
_cell.length_a   68.836
_cell.length_b   68.836
_cell.length_c   198.853
_cell.angle_alpha   90.00
_cell.angle_beta   90.00
_cell.angle_gamma   90.00
#
_symmetry.space_group_name_H-M   'P 43 21 2'
#
loop_
_entity.id
_entity.type
_entity.pdbx_description
1 polymer 'IgG light chain'
2 polymer 'IgG heavy chain'
3 polymer 'Microtubule-associated protein tau'
4 non-polymer GLYCEROL
5 non-polymer 'PHOSPHATE ION'
6 water water
#
loop_
_entity_poly.entity_id
_entity_poly.type
_entity_poly.pdbx_seq_one_letter_code
_entity_poly.pdbx_strand_id
1 'polypeptide(L)'
;DVLLTQTPLSLPVSLGDQASISCRSSQSIVHSNGNTYLEWYLQKPGQSPELLIYKVSNRFYGVPDRFSGSGSGTDFTLKI
SRVEAEDLGVYYCFQDSHIPYTFGGGTRLEIKRADAAPTVSIFPPSSEQLTSGGASVVCFLNNFYPKDINVKWKIDGSER
QNGVLNSWTDQDSKDSTYSMSSTLTLTKDEYERHNSYTCEATHKTSTSPIVKSFNRNE
;
L
2 'polypeptide(L)'
;EVQLQQSGPELVKPGASVKMSCKASGYTFTSYVIHWVKQKPGQGLEWIGYIYPYNDGTIYNEKFKGKATLTSDTSSSTVY
MELISLTAEDSAVYWCVRERDNYGVYWGQGTTLTVSSAKTTPPSVYPLAPGTGDTGSSMVTLGCLVKGYFPEPVTVTWNS
GSLSSGVHTFPAVLQSDLYTLSSSVTVTSSTWPSQTITCNVAHPASSTKVDKKIVPE
;
H
3 'polypeptide(L)' RENAKAKTDHGAEIVYKSPVVSGDTSPRHL(NH2) P
#
loop_
_chem_comp.id
_chem_comp.type
_chem_comp.name
_chem_comp.formula
GOL non-polymer GLYCEROL 'C3 H8 O3'
NH2 non-polymer 'AMINO GROUP' 'H2 N'
PO4 non-polymer 'PHOSPHATE ION' 'O4 P -3'
#
# COMPACT_ATOMS: atom_id res chain seq x y z
N ASP A 1 4.37 11.95 -26.11
CA ASP A 1 4.91 10.78 -25.41
C ASP A 1 4.44 9.46 -26.02
N VAL A 2 5.19 8.40 -25.78
CA VAL A 2 4.70 7.05 -26.02
C VAL A 2 3.71 6.69 -24.94
N LEU A 3 2.45 6.46 -25.34
CA LEU A 3 1.41 6.01 -24.41
C LEU A 3 1.32 4.49 -24.44
N LEU A 4 1.29 3.88 -23.27
CA LEU A 4 1.14 2.44 -23.15
C LEU A 4 -0.21 2.16 -22.50
N THR A 5 -1.01 1.33 -23.15
CA THR A 5 -2.37 1.04 -22.71
C THR A 5 -2.45 -0.42 -22.34
N GLN A 6 -2.76 -0.72 -21.07
CA GLN A 6 -2.82 -2.10 -20.61
C GLN A 6 -4.26 -2.59 -20.46
N THR A 7 -4.51 -3.81 -20.92
CA THR A 7 -5.79 -4.48 -20.68
C THR A 7 -5.54 -5.92 -20.24
N PRO A 8 -6.40 -6.45 -19.35
CA PRO A 8 -7.52 -5.79 -18.70
C PRO A 8 -7.06 -4.93 -17.54
N LEU A 9 -7.96 -4.18 -16.91
CA LEU A 9 -7.58 -3.48 -15.67
C LEU A 9 -7.29 -4.45 -14.54
N SER A 10 -8.10 -5.51 -14.42
CA SER A 10 -7.87 -6.51 -13.39
C SER A 10 -8.18 -7.88 -13.98
N LEU A 11 -7.52 -8.89 -13.44
CA LEU A 11 -7.64 -10.24 -13.98
C LEU A 11 -7.62 -11.27 -12.86
N PRO A 12 -8.75 -11.89 -12.55
CA PRO A 12 -8.75 -12.99 -11.57
C PRO A 12 -8.34 -14.30 -12.24
N VAL A 13 -7.41 -15.01 -11.60
CA VAL A 13 -6.88 -16.27 -12.13
C VAL A 13 -6.66 -17.21 -10.96
N SER A 14 -7.05 -18.47 -11.13
CA SER A 14 -6.82 -19.46 -10.10
C SER A 14 -5.39 -19.97 -10.13
N LEU A 15 -4.95 -20.49 -8.99
CA LEU A 15 -3.63 -21.08 -8.90
C LEU A 15 -3.46 -22.19 -9.93
N GLY A 16 -2.31 -22.19 -10.60
CA GLY A 16 -1.99 -23.20 -11.59
C GLY A 16 -2.49 -22.91 -13.00
N ASP A 17 -3.31 -21.88 -13.18
CA ASP A 17 -3.83 -21.53 -14.49
C ASP A 17 -2.98 -20.43 -15.12
N GLN A 18 -3.28 -20.11 -16.37
CA GLN A 18 -2.51 -19.15 -17.15
C GLN A 18 -3.13 -17.76 -17.09
N ALA A 19 -2.28 -16.73 -17.00
CA ALA A 19 -2.70 -15.35 -17.12
C ALA A 19 -2.03 -14.73 -18.33
N SER A 20 -2.77 -13.90 -19.06
CA SER A 20 -2.23 -13.25 -20.25
C SER A 20 -2.70 -11.81 -20.25
N ILE A 21 -1.77 -10.86 -20.31
CA ILE A 21 -2.14 -9.46 -20.25
C ILE A 21 -1.46 -8.70 -21.38
N SER A 22 -2.14 -7.68 -21.88
CA SER A 22 -1.72 -6.99 -23.10
C SER A 22 -1.28 -5.56 -22.80
N CYS A 23 -0.34 -5.09 -23.61
CA CYS A 23 0.17 -3.73 -23.52
C CYS A 23 0.25 -3.21 -24.95
N ARG A 24 -0.42 -2.09 -25.22
CA ARG A 24 -0.50 -1.54 -26.56
C ARG A 24 0.13 -0.15 -26.57
N SER A 25 1.00 0.10 -27.54
CA SER A 25 1.68 1.39 -27.59
C SER A 25 1.03 2.29 -28.63
N SER A 26 1.25 3.60 -28.47
CA SER A 26 0.68 4.61 -29.34
C SER A 26 1.49 4.82 -30.60
N GLN A 27 2.60 4.10 -30.75
CA GLN A 27 3.52 4.29 -31.84
C GLN A 27 4.52 3.16 -31.77
N SER A 28 5.29 3.00 -32.84
CA SER A 28 6.39 2.04 -32.81
C SER A 28 7.40 2.45 -31.75
N ILE A 29 7.98 1.47 -31.08
CA ILE A 29 8.93 1.75 -30.02
C ILE A 29 10.22 1.01 -30.32
N VAL A 30 10.62 1.05 -31.59
CA VAL A 30 11.92 0.54 -31.98
C VAL A 30 12.93 1.66 -31.79
N HIS A 31 13.93 1.42 -30.94
CA HIS A 31 15.01 2.36 -30.73
C HIS A 31 15.80 2.54 -32.03
N SER A 32 16.60 3.61 -32.07
CA SER A 32 17.43 3.84 -33.24
C SER A 32 18.42 2.71 -33.47
N ASN A 33 18.78 1.96 -32.44
CA ASN A 33 19.74 0.87 -32.62
C ASN A 33 19.08 -0.45 -33.02
N GLY A 34 17.77 -0.45 -33.23
CA GLY A 34 17.07 -1.62 -33.74
C GLY A 34 16.41 -2.46 -32.67
N ASN A 35 16.67 -2.21 -31.39
CA ASN A 35 16.06 -2.98 -30.32
C ASN A 35 14.72 -2.38 -29.93
N THR A 36 13.85 -3.22 -29.40
CA THR A 36 12.56 -2.78 -28.87
C THR A 36 12.63 -2.87 -27.36
N TYR A 37 12.74 -1.73 -26.69
CA TYR A 37 12.96 -1.71 -25.25
C TYR A 37 11.62 -1.62 -24.52
N LEU A 38 10.91 -2.73 -24.52
CA LEU A 38 9.68 -2.85 -23.77
C LEU A 38 9.92 -3.83 -22.63
N GLU A 39 9.57 -3.42 -21.41
CA GLU A 39 9.82 -4.19 -20.20
C GLU A 39 8.50 -4.45 -19.47
N TRP A 40 8.50 -5.48 -18.63
CA TRP A 40 7.37 -5.80 -17.75
C TRP A 40 7.87 -5.82 -16.33
N TYR A 41 7.13 -5.14 -15.44
CA TYR A 41 7.41 -5.09 -14.00
C TYR A 41 6.21 -5.63 -13.24
N LEU A 42 6.48 -6.20 -12.07
CA LEU A 42 5.44 -6.56 -11.11
C LEU A 42 5.65 -5.74 -9.85
N GLN A 43 4.61 -5.06 -9.39
CA GLN A 43 4.68 -4.35 -8.11
C GLN A 43 3.72 -5.04 -7.15
N LYS A 44 4.29 -5.80 -6.22
CA LYS A 44 3.52 -6.49 -5.21
C LYS A 44 3.04 -5.48 -4.16
N PRO A 45 1.97 -5.79 -3.44
CA PRO A 45 1.41 -4.81 -2.50
C PRO A 45 2.47 -4.39 -1.48
N GLY A 46 2.62 -3.08 -1.31
CA GLY A 46 3.55 -2.51 -0.34
C GLY A 46 5.01 -2.60 -0.70
N GLN A 47 5.36 -2.93 -1.94
CA GLN A 47 6.76 -3.12 -2.31
C GLN A 47 7.09 -2.26 -3.52
N SER A 48 8.38 -2.12 -3.80
CA SER A 48 8.82 -1.51 -5.04
C SER A 48 8.65 -2.50 -6.19
N PRO A 49 8.56 -2.01 -7.43
CA PRO A 49 8.40 -2.92 -8.57
C PRO A 49 9.62 -3.80 -8.80
N GLU A 50 9.36 -4.99 -9.33
CA GLU A 50 10.38 -5.97 -9.69
C GLU A 50 10.35 -6.18 -11.20
N LEU A 51 11.53 -6.16 -11.83
CA LEU A 51 11.61 -6.38 -13.27
C LEU A 51 11.46 -7.86 -13.60
N LEU A 52 10.58 -8.17 -14.56
CA LEU A 52 10.34 -9.53 -15.01
C LEU A 52 10.93 -9.82 -16.38
N ILE A 53 10.67 -8.94 -17.34
CA ILE A 53 10.95 -9.16 -18.76
C ILE A 53 11.60 -7.90 -19.29
N TYR A 54 12.65 -8.04 -20.10
CA TYR A 54 13.23 -6.89 -20.78
C TYR A 54 13.40 -7.20 -22.25
N LYS A 55 13.52 -6.15 -23.07
CA LYS A 55 13.59 -6.28 -24.53
C LYS A 55 12.58 -7.28 -25.04
N VAL A 56 11.32 -7.07 -24.62
CA VAL A 56 10.11 -7.75 -25.08
C VAL A 56 10.01 -9.17 -24.55
N SER A 57 11.09 -9.93 -24.65
CA SER A 57 10.95 -11.37 -24.44
C SER A 57 12.04 -11.99 -23.58
N ASN A 58 13.01 -11.23 -23.08
CA ASN A 58 14.09 -11.78 -22.29
C ASN A 58 13.71 -11.80 -20.81
N ARG A 59 13.85 -12.97 -20.17
CA ARG A 59 13.62 -13.07 -18.74
C ARG A 59 14.79 -12.47 -17.97
N PHE A 60 14.48 -11.64 -16.98
CA PHE A 60 15.51 -11.07 -16.13
C PHE A 60 16.03 -12.10 -15.14
N TYR A 61 17.20 -11.81 -14.59
CA TYR A 61 17.83 -12.64 -13.59
C TYR A 61 16.86 -13.01 -12.47
N GLY A 62 16.80 -14.29 -12.14
CA GLY A 62 15.98 -14.71 -11.02
C GLY A 62 14.49 -14.76 -11.29
N VAL A 63 14.05 -14.62 -12.53
CA VAL A 63 12.65 -14.70 -12.90
C VAL A 63 12.38 -16.07 -13.51
N PRO A 64 11.37 -16.80 -13.07
CA PRO A 64 11.12 -18.15 -13.61
C PRO A 64 10.61 -18.13 -15.04
N ASP A 65 10.82 -19.27 -15.72
CA ASP A 65 10.50 -19.39 -17.14
C ASP A 65 9.00 -19.42 -17.42
N ARG A 66 8.16 -19.54 -16.39
CA ARG A 66 6.72 -19.46 -16.63
C ARG A 66 6.24 -18.03 -16.89
N PHE A 67 7.12 -17.02 -16.77
CA PHE A 67 6.85 -15.68 -17.26
C PHE A 67 7.45 -15.55 -18.65
N SER A 68 6.62 -15.22 -19.65
CA SER A 68 7.11 -15.07 -21.02
C SER A 68 6.51 -13.83 -21.64
N GLY A 69 7.32 -13.11 -22.39
CA GLY A 69 6.88 -11.91 -23.08
C GLY A 69 6.99 -12.08 -24.58
N SER A 70 6.10 -11.42 -25.31
CA SER A 70 6.12 -11.48 -26.77
C SER A 70 5.57 -10.18 -27.31
N GLY A 71 5.67 -10.02 -28.62
CA GLY A 71 5.09 -8.86 -29.26
C GLY A 71 6.06 -8.17 -30.18
N SER A 72 5.53 -7.19 -30.89
CA SER A 72 6.24 -6.39 -31.88
C SER A 72 5.30 -5.28 -32.32
N GLY A 73 5.84 -4.28 -32.97
CA GLY A 73 5.00 -3.21 -33.48
C GLY A 73 4.37 -2.42 -32.36
N THR A 74 3.06 -2.53 -32.17
CA THR A 74 2.41 -1.86 -31.06
C THR A 74 1.70 -2.79 -30.08
N ASP A 75 1.78 -4.11 -30.26
CA ASP A 75 1.04 -5.06 -29.42
C ASP A 75 2.04 -5.95 -28.68
N PHE A 76 1.97 -5.94 -27.36
CA PHE A 76 2.87 -6.74 -26.52
C PHE A 76 2.07 -7.52 -25.49
N THR A 77 2.58 -8.70 -25.14
CA THR A 77 1.82 -9.59 -24.28
C THR A 77 2.75 -10.21 -23.23
N LEU A 78 2.30 -10.23 -21.98
CA LEU A 78 2.96 -10.99 -20.93
C LEU A 78 2.09 -12.18 -20.60
N LYS A 79 2.66 -13.38 -20.65
CA LYS A 79 1.94 -14.60 -20.30
C LYS A 79 2.56 -15.18 -19.05
N ILE A 80 1.71 -15.46 -18.06
CA ILE A 80 2.13 -16.02 -16.78
C ILE A 80 1.52 -17.40 -16.70
N SER A 81 2.36 -18.41 -16.80
CA SER A 81 1.87 -19.78 -16.72
C SER A 81 1.96 -20.29 -15.29
N ARG A 82 1.03 -21.18 -14.95
CA ARG A 82 1.02 -21.87 -13.67
C ARG A 82 1.15 -20.88 -12.51
N VAL A 83 0.14 -20.00 -12.45
CA VAL A 83 0.12 -18.89 -11.49
C VAL A 83 0.31 -19.41 -10.08
N GLU A 84 1.10 -18.69 -9.30
CA GLU A 84 1.32 -18.94 -7.88
C GLU A 84 0.76 -17.78 -7.07
N ALA A 85 0.54 -18.03 -5.77
CA ALA A 85 -0.09 -17.01 -4.93
C ALA A 85 0.72 -15.72 -4.88
N GLU A 86 2.05 -15.86 -4.89
CA GLU A 86 2.96 -14.73 -4.82
C GLU A 86 2.98 -13.89 -6.08
N ASP A 87 2.30 -14.31 -7.14
CA ASP A 87 2.22 -13.53 -8.37
C ASP A 87 1.26 -12.35 -8.28
N LEU A 88 0.49 -12.22 -7.20
CA LEU A 88 -0.52 -11.17 -7.17
C LEU A 88 0.15 -9.80 -7.08
N GLY A 89 -0.54 -8.78 -7.59
CA GLY A 89 -0.01 -7.44 -7.59
C GLY A 89 -0.39 -6.74 -8.87
N VAL A 90 0.26 -5.61 -9.14
CA VAL A 90 -0.01 -4.84 -10.34
C VAL A 90 1.15 -5.03 -11.30
N TYR A 91 0.84 -5.46 -12.52
CA TYR A 91 1.82 -5.63 -13.59
C TYR A 91 1.81 -4.39 -14.47
N TYR A 92 2.99 -3.84 -14.75
CA TYR A 92 3.15 -2.65 -15.57
C TYR A 92 4.03 -2.98 -16.77
N CYS A 93 3.63 -2.55 -17.96
CA CYS A 93 4.61 -2.49 -19.03
C CYS A 93 5.29 -1.12 -18.99
N PHE A 94 6.45 -1.04 -19.63
CA PHE A 94 7.33 0.12 -19.49
C PHE A 94 8.21 0.16 -20.73
N GLN A 95 8.49 1.36 -21.23
CA GLN A 95 9.36 1.50 -22.40
C GLN A 95 10.43 2.54 -22.10
N ASP A 96 11.67 2.26 -22.52
CA ASP A 96 12.67 3.31 -22.52
C ASP A 96 13.34 3.41 -23.89
N SER A 97 12.61 3.03 -24.95
CA SER A 97 13.07 3.28 -26.31
C SER A 97 13.05 4.77 -26.64
N HIS A 98 12.12 5.53 -26.06
CA HIS A 98 11.98 6.95 -26.33
C HIS A 98 11.89 7.73 -25.03
N ILE A 99 12.45 8.93 -25.03
CA ILE A 99 12.33 9.85 -23.90
C ILE A 99 11.10 10.71 -24.10
N PRO A 100 10.22 10.88 -23.09
CA PRO A 100 10.34 10.36 -21.73
C PRO A 100 9.98 8.89 -21.64
N TYR A 101 10.68 8.14 -20.77
CA TYR A 101 10.28 6.78 -20.46
C TYR A 101 8.86 6.80 -19.90
N THR A 102 8.06 5.80 -20.25
CA THR A 102 6.68 5.76 -19.79
C THR A 102 6.27 4.37 -19.34
N PHE A 103 5.28 4.35 -18.44
CA PHE A 103 4.66 3.13 -17.94
C PHE A 103 3.23 3.01 -18.49
N GLY A 104 2.79 1.76 -18.64
CA GLY A 104 1.37 1.53 -18.83
C GLY A 104 0.61 1.79 -17.54
N GLY A 105 -0.71 1.71 -17.63
CA GLY A 105 -1.54 2.03 -16.48
C GLY A 105 -1.67 0.93 -15.45
N GLY A 106 -1.16 -0.25 -15.74
CA GLY A 106 -1.17 -1.32 -14.76
C GLY A 106 -2.35 -2.26 -14.94
N THR A 107 -2.10 -3.54 -14.65
CA THR A 107 -3.12 -4.58 -14.63
C THR A 107 -2.98 -5.30 -13.31
N ARG A 108 -4.05 -5.35 -12.53
CA ARG A 108 -4.01 -6.01 -11.22
C ARG A 108 -4.32 -7.49 -11.42
N LEU A 109 -3.42 -8.35 -10.96
CA LEU A 109 -3.68 -9.78 -10.97
C LEU A 109 -4.24 -10.19 -9.61
N GLU A 110 -5.40 -10.81 -9.64
CA GLU A 110 -6.07 -11.28 -8.43
C GLU A 110 -6.09 -12.80 -8.43
N ILE A 111 -5.70 -13.41 -7.30
CA ILE A 111 -5.74 -14.86 -7.18
C ILE A 111 -7.17 -15.27 -6.88
N LYS A 112 -7.73 -16.13 -7.72
CA LYS A 112 -9.07 -16.64 -7.46
C LYS A 112 -8.93 -17.94 -6.69
N ARG A 113 -9.08 -17.86 -5.37
CA ARG A 113 -9.11 -19.03 -4.51
C ARG A 113 -10.57 -19.44 -4.28
N ALA A 114 -10.76 -20.54 -3.55
CA ALA A 114 -12.11 -20.93 -3.19
C ALA A 114 -12.72 -19.88 -2.26
N ASP A 115 -14.05 -19.72 -2.36
CA ASP A 115 -14.74 -18.78 -1.50
C ASP A 115 -14.47 -19.10 -0.04
N ALA A 116 -14.35 -18.05 0.78
CA ALA A 116 -14.15 -18.24 2.21
C ALA A 116 -14.95 -17.19 2.96
N ALA A 117 -15.66 -17.62 3.99
CA ALA A 117 -16.45 -16.69 4.79
C ALA A 117 -15.56 -15.91 5.76
N PRO A 118 -15.94 -14.67 6.08
CA PRO A 118 -15.12 -13.88 7.02
C PRO A 118 -15.26 -14.37 8.46
N THR A 119 -14.18 -14.20 9.21
CA THR A 119 -14.23 -14.24 10.67
C THR A 119 -14.52 -12.82 11.18
N VAL A 120 -15.65 -12.65 11.86
CA VAL A 120 -16.14 -11.32 12.23
C VAL A 120 -16.00 -11.14 13.73
N SER A 121 -15.45 -9.99 14.15
CA SER A 121 -15.25 -9.67 15.55
C SER A 121 -15.67 -8.23 15.80
N ILE A 122 -16.43 -7.99 16.88
CA ILE A 122 -16.93 -6.66 17.18
C ILE A 122 -16.26 -6.15 18.47
N PHE A 123 -16.05 -4.83 18.51
CA PHE A 123 -15.32 -4.19 19.61
C PHE A 123 -16.00 -2.90 20.02
N PRO A 124 -16.38 -2.76 21.30
CA PRO A 124 -16.98 -1.51 21.77
C PRO A 124 -15.94 -0.41 21.87
N PRO A 125 -16.37 0.85 22.02
CA PRO A 125 -15.42 1.94 22.24
C PRO A 125 -14.52 1.66 23.44
N SER A 126 -13.26 2.07 23.32
CA SER A 126 -12.35 2.00 24.45
C SER A 126 -12.72 3.08 25.46
N SER A 127 -12.40 2.83 26.73
CA SER A 127 -12.63 3.86 27.74
C SER A 127 -11.80 5.11 27.42
N GLU A 128 -10.58 4.91 26.90
CA GLU A 128 -9.74 6.04 26.50
C GLU A 128 -10.46 6.95 25.51
N GLN A 129 -11.07 6.35 24.47
CA GLN A 129 -11.72 7.17 23.46
C GLN A 129 -12.91 7.92 24.07
N LEU A 130 -13.64 7.25 24.97
CA LEU A 130 -14.78 7.91 25.58
C LEU A 130 -14.37 9.17 26.35
N THR A 131 -13.15 9.19 26.92
CA THR A 131 -12.75 10.38 27.66
C THR A 131 -12.56 11.57 26.74
N SER A 132 -12.37 11.35 25.44
CA SER A 132 -12.23 12.46 24.49
C SER A 132 -13.55 12.85 23.86
N GLY A 133 -14.66 12.23 24.25
CA GLY A 133 -15.95 12.60 23.75
C GLY A 133 -16.38 11.91 22.47
N GLY A 134 -15.59 10.96 21.97
CA GLY A 134 -15.94 10.20 20.78
C GLY A 134 -16.17 8.74 21.14
N ALA A 135 -16.76 8.01 20.20
CA ALA A 135 -17.11 6.60 20.45
C ALA A 135 -17.10 5.86 19.12
N SER A 136 -16.13 4.98 18.93
CA SER A 136 -16.04 4.18 17.71
C SER A 136 -16.28 2.72 18.06
N VAL A 137 -17.20 2.09 17.32
CA VAL A 137 -17.42 0.65 17.36
C VAL A 137 -16.76 0.05 16.14
N VAL A 138 -15.98 -1.01 16.33
CA VAL A 138 -15.17 -1.57 15.25
C VAL A 138 -15.60 -3.01 15.01
N CYS A 139 -15.74 -3.38 13.74
CA CYS A 139 -15.87 -4.78 13.35
C CYS A 139 -14.77 -5.10 12.36
N PHE A 140 -13.99 -6.13 12.67
CA PHE A 140 -13.06 -6.72 11.71
C PHE A 140 -13.73 -7.89 11.02
N LEU A 141 -13.58 -7.95 9.70
CA LEU A 141 -14.10 -9.05 8.90
C LEU A 141 -12.89 -9.62 8.18
N ASN A 142 -12.38 -10.76 8.66
CA ASN A 142 -11.01 -11.14 8.34
C ASN A 142 -10.94 -12.43 7.51
N ASN A 143 -10.00 -12.42 6.57
CA ASN A 143 -9.60 -13.59 5.79
C ASN A 143 -10.79 -14.21 5.03
N PHE A 144 -11.35 -13.43 4.13
CA PHE A 144 -12.47 -13.88 3.32
C PHE A 144 -12.14 -13.76 1.83
N TYR A 145 -12.97 -14.42 1.02
CA TYR A 145 -12.82 -14.32 -0.44
C TYR A 145 -14.17 -14.68 -1.05
N PRO A 146 -14.64 -13.94 -2.09
CA PRO A 146 -14.03 -12.80 -2.77
C PRO A 146 -14.11 -11.49 -2.00
N LYS A 147 -13.56 -10.44 -2.60
CA LYS A 147 -13.40 -9.17 -1.91
C LYS A 147 -14.74 -8.50 -1.60
N ASP A 148 -15.74 -8.67 -2.47
CA ASP A 148 -16.98 -7.94 -2.29
C ASP A 148 -17.70 -8.44 -1.04
N ILE A 149 -18.10 -7.52 -0.19
CA ILE A 149 -18.75 -7.86 1.07
C ILE A 149 -19.56 -6.65 1.50
N ASN A 150 -20.61 -6.89 2.27
CA ASN A 150 -21.49 -5.83 2.71
C ASN A 150 -21.62 -5.88 4.22
N VAL A 151 -21.41 -4.74 4.86
CA VAL A 151 -21.56 -4.61 6.30
C VAL A 151 -22.72 -3.66 6.55
N LYS A 152 -23.67 -4.09 7.37
CA LYS A 152 -24.78 -3.26 7.82
C LYS A 152 -24.64 -3.06 9.32
N TRP A 153 -24.65 -1.79 9.75
CA TRP A 153 -24.61 -1.45 11.15
C TRP A 153 -26.02 -1.20 11.67
N LYS A 154 -26.30 -1.68 12.87
CA LYS A 154 -27.57 -1.43 13.52
C LYS A 154 -27.32 -0.95 14.94
N ILE A 155 -28.08 0.06 15.34
CA ILE A 155 -28.08 0.57 16.71
C ILE A 155 -29.50 0.41 17.23
N ASP A 156 -29.65 -0.34 18.32
CA ASP A 156 -30.96 -0.68 18.84
C ASP A 156 -31.84 -1.27 17.74
N GLY A 157 -31.25 -2.16 16.95
CA GLY A 157 -31.97 -2.84 15.89
C GLY A 157 -32.36 -1.99 14.71
N SER A 158 -31.95 -0.73 14.66
CA SER A 158 -32.24 0.16 13.55
C SER A 158 -30.97 0.42 12.76
N GLU A 159 -31.05 0.28 11.44
CA GLU A 159 -29.86 0.45 10.60
C GLU A 159 -29.30 1.86 10.71
N ARG A 160 -27.99 1.95 10.85
CA ARG A 160 -27.28 3.21 10.97
C ARG A 160 -26.30 3.32 9.80
N GLN A 161 -26.41 4.39 9.02
CA GLN A 161 -25.52 4.55 7.88
C GLN A 161 -24.53 5.70 8.01
N ASN A 162 -24.84 6.74 8.78
CA ASN A 162 -23.92 7.84 8.99
C ASN A 162 -22.83 7.44 9.98
N GLY A 163 -21.60 7.83 9.69
CA GLY A 163 -20.48 7.59 10.59
C GLY A 163 -19.72 6.29 10.37
N VAL A 164 -19.97 5.59 9.26
CA VAL A 164 -19.30 4.34 8.95
C VAL A 164 -18.12 4.62 8.03
N LEU A 165 -16.98 3.99 8.33
CA LEU A 165 -15.77 4.10 7.53
C LEU A 165 -15.21 2.71 7.31
N ASN A 166 -15.02 2.32 6.05
CA ASN A 166 -14.60 0.96 5.72
C ASN A 166 -13.28 0.98 5.00
N SER A 167 -12.41 0.00 5.30
CA SER A 167 -11.12 -0.08 4.64
C SER A 167 -10.76 -1.55 4.42
N TRP A 168 -10.27 -1.88 3.22
CA TRP A 168 -9.90 -3.24 2.85
C TRP A 168 -8.39 -3.37 2.76
N THR A 169 -7.86 -4.51 3.19
CA THR A 169 -6.46 -4.81 2.91
C THR A 169 -6.30 -5.19 1.44
N ASP A 170 -5.04 -5.18 0.99
CA ASP A 170 -4.73 -5.81 -0.28
C ASP A 170 -4.83 -7.32 -0.14
N GLN A 171 -4.88 -8.02 -1.27
CA GLN A 171 -4.96 -9.46 -1.22
C GLN A 171 -3.72 -10.05 -0.57
N ASP A 172 -3.92 -11.04 0.30
CA ASP A 172 -2.82 -11.64 1.05
C ASP A 172 -2.09 -12.67 0.18
N SER A 173 -0.77 -12.54 0.07
CA SER A 173 -0.01 -13.39 -0.83
C SER A 173 0.12 -14.82 -0.33
N LYS A 174 -0.26 -15.11 0.91
CA LYS A 174 -0.15 -16.46 1.45
C LYS A 174 -1.45 -17.25 1.31
N ASP A 175 -2.58 -16.70 1.77
CA ASP A 175 -3.82 -17.44 1.68
C ASP A 175 -4.79 -16.86 0.66
N SER A 176 -4.40 -15.83 -0.08
CA SER A 176 -5.19 -15.26 -1.16
C SER A 176 -6.51 -14.67 -0.68
N THR A 177 -6.62 -14.33 0.60
CA THR A 177 -7.85 -13.74 1.11
C THR A 177 -7.71 -12.22 1.24
N TYR A 178 -8.85 -11.59 1.52
CA TYR A 178 -8.94 -10.20 1.88
C TYR A 178 -9.43 -10.09 3.32
N SER A 179 -9.25 -8.90 3.88
CA SER A 179 -9.84 -8.56 5.17
C SER A 179 -10.33 -7.12 5.08
N MET A 180 -11.31 -6.78 5.92
CA MET A 180 -11.78 -5.41 5.92
C MET A 180 -12.14 -4.99 7.33
N SER A 181 -11.99 -3.70 7.58
CA SER A 181 -12.28 -3.10 8.88
C SER A 181 -13.41 -2.11 8.68
N SER A 182 -14.43 -2.16 9.55
CA SER A 182 -15.55 -1.25 9.48
C SER A 182 -15.66 -0.56 10.83
N THR A 183 -15.61 0.78 10.82
CA THR A 183 -15.63 1.57 12.04
C THR A 183 -16.84 2.49 12.02
N LEU A 184 -17.71 2.34 13.01
CA LEU A 184 -18.86 3.22 13.19
C LEU A 184 -18.51 4.23 14.29
N THR A 185 -18.46 5.51 13.94
CA THR A 185 -18.05 6.53 14.91
C THR A 185 -19.25 7.42 15.23
N LEU A 186 -19.56 7.52 16.52
CA LEU A 186 -20.56 8.45 17.04
C LEU A 186 -19.92 9.33 18.10
N THR A 187 -20.68 10.33 18.55
CA THR A 187 -20.25 11.02 19.76
C THR A 187 -20.45 10.12 20.98
N LYS A 188 -19.65 10.39 22.02
CA LYS A 188 -19.87 9.69 23.28
C LYS A 188 -21.30 9.89 23.77
N ASP A 189 -21.82 11.11 23.64
CA ASP A 189 -23.17 11.38 24.12
C ASP A 189 -24.20 10.50 23.40
N GLU A 190 -24.14 10.45 22.06
CA GLU A 190 -25.11 9.63 21.34
C GLU A 190 -24.91 8.15 21.65
N TYR A 191 -23.65 7.73 21.77
CA TYR A 191 -23.36 6.33 22.09
C TYR A 191 -24.04 5.91 23.37
N GLU A 192 -23.98 6.76 24.40
CA GLU A 192 -24.52 6.37 25.69
C GLU A 192 -26.03 6.53 25.78
N ARG A 193 -26.70 6.91 24.70
CA ARG A 193 -28.17 6.93 24.64
C ARG A 193 -28.75 5.70 23.96
N HIS A 194 -27.95 4.66 23.74
CA HIS A 194 -28.42 3.45 23.08
C HIS A 194 -27.80 2.23 23.73
N ASN A 195 -28.39 1.06 23.45
CA ASN A 195 -28.01 -0.17 24.13
C ASN A 195 -27.25 -1.14 23.22
N SER A 196 -27.85 -1.56 22.12
CA SER A 196 -27.29 -2.63 21.30
C SER A 196 -26.60 -2.08 20.06
N TYR A 197 -25.43 -2.63 19.78
CA TYR A 197 -24.64 -2.27 18.62
C TYR A 197 -24.31 -3.55 17.86
N THR A 198 -24.64 -3.58 16.57
CA THR A 198 -24.56 -4.79 15.75
C THR A 198 -23.92 -4.48 14.42
N CYS A 199 -22.98 -5.33 14.01
CA CYS A 199 -22.53 -5.34 12.62
C CYS A 199 -22.93 -6.66 12.00
N GLU A 200 -23.56 -6.60 10.83
CA GLU A 200 -24.03 -7.76 10.08
C GLU A 200 -23.27 -7.82 8.76
N ALA A 201 -22.60 -8.94 8.53
CA ALA A 201 -21.77 -9.14 7.34
C ALA A 201 -22.49 -10.05 6.37
N THR A 202 -22.83 -9.54 5.20
CA THR A 202 -23.43 -10.34 4.14
C THR A 202 -22.39 -10.59 3.07
N HIS A 203 -22.22 -11.87 2.72
CA HIS A 203 -21.14 -12.28 1.85
C HIS A 203 -21.65 -13.42 0.98
N LYS A 204 -20.98 -13.63 -0.15
CA LYS A 204 -21.39 -14.63 -1.12
C LYS A 204 -21.48 -16.03 -0.49
N THR A 205 -20.74 -16.26 0.60
CA THR A 205 -20.62 -17.59 1.19
C THR A 205 -21.86 -18.03 1.96
N SER A 206 -22.85 -17.16 2.16
CA SER A 206 -24.05 -17.58 2.87
C SER A 206 -25.18 -16.60 2.59
N THR A 207 -26.41 -17.12 2.60
CA THR A 207 -27.58 -16.25 2.46
C THR A 207 -27.99 -15.64 3.79
N SER A 208 -27.48 -16.12 4.91
CA SER A 208 -27.74 -15.43 6.16
C SER A 208 -26.52 -14.62 6.56
N PRO A 209 -26.71 -13.39 7.04
CA PRO A 209 -25.56 -12.58 7.46
C PRO A 209 -24.91 -13.16 8.70
N ILE A 210 -23.62 -12.88 8.85
CA ILE A 210 -22.89 -13.16 10.08
C ILE A 210 -23.11 -11.95 10.98
N VAL A 211 -23.63 -12.20 12.19
CA VAL A 211 -24.09 -11.14 13.08
C VAL A 211 -23.22 -11.16 14.33
N LYS A 212 -22.60 -10.03 14.65
CA LYS A 212 -21.90 -9.87 15.91
C LYS A 212 -22.46 -8.64 16.61
N SER A 213 -22.69 -8.76 17.92
CA SER A 213 -23.42 -7.71 18.63
C SER A 213 -22.89 -7.60 20.05
N PHE A 214 -23.20 -6.47 20.67
CA PHE A 214 -23.05 -6.34 22.11
C PHE A 214 -24.10 -5.35 22.61
N ASN A 215 -24.53 -5.57 23.85
CA ASN A 215 -25.47 -4.70 24.54
C ASN A 215 -24.70 -3.93 25.60
N ARG A 216 -24.88 -2.61 25.63
CA ARG A 216 -24.18 -1.82 26.63
C ARG A 216 -24.61 -2.23 28.03
N ASN A 217 -25.89 -2.51 28.23
CA ASN A 217 -26.38 -2.98 29.52
C ASN A 217 -25.84 -4.36 29.88
N GLU A 218 -25.20 -5.04 28.93
CA GLU A 218 -24.57 -6.35 29.14
C GLU A 218 -25.58 -7.38 29.63
N GLU B 1 26.33 -5.49 -0.62
CA GLU B 1 24.92 -5.29 -0.96
C GLU B 1 24.66 -3.86 -1.40
N VAL B 2 23.97 -3.70 -2.52
CA VAL B 2 23.58 -2.38 -3.01
C VAL B 2 22.42 -1.88 -2.15
N GLN B 3 22.50 -0.63 -1.71
CA GLN B 3 21.43 -0.03 -0.92
C GLN B 3 21.23 1.42 -1.33
N LEU B 4 19.97 1.81 -1.55
CA LEU B 4 19.60 3.21 -1.71
C LEU B 4 18.68 3.56 -0.55
N GLN B 5 19.05 4.57 0.22
CA GLN B 5 18.33 4.92 1.44
C GLN B 5 17.74 6.32 1.28
N GLN B 6 16.42 6.41 1.27
CA GLN B 6 15.77 7.69 1.05
C GLN B 6 15.45 8.40 2.35
N SER B 7 15.31 9.72 2.24
CA SER B 7 14.96 10.56 3.38
C SER B 7 13.50 10.32 3.77
N GLY B 8 13.12 10.87 4.93
CA GLY B 8 11.84 10.54 5.54
C GLY B 8 10.68 11.29 4.93
N PRO B 9 9.48 10.94 5.40
CA PRO B 9 8.27 11.55 4.86
C PRO B 9 8.20 13.02 5.18
N GLU B 10 7.50 13.76 4.31
CA GLU B 10 7.45 15.22 4.37
C GLU B 10 6.03 15.73 4.19
N LEU B 11 5.69 16.76 4.96
CA LEU B 11 4.46 17.53 4.78
C LEU B 11 4.86 18.97 4.51
N VAL B 12 4.45 19.49 3.36
CA VAL B 12 4.85 20.83 2.94
C VAL B 12 3.60 21.59 2.51
N LYS B 13 3.58 22.89 2.78
CA LYS B 13 2.45 23.71 2.36
C LYS B 13 2.47 23.97 0.86
N PRO B 14 1.29 24.15 0.24
CA PRO B 14 1.24 24.48 -1.18
C PRO B 14 2.02 25.76 -1.47
N GLY B 15 2.69 25.78 -2.62
CA GLY B 15 3.51 26.89 -3.01
C GLY B 15 4.96 26.81 -2.57
N ALA B 16 5.26 26.04 -1.53
CA ALA B 16 6.63 25.92 -1.05
C ALA B 16 7.38 24.86 -1.87
N SER B 17 8.56 24.49 -1.41
CA SER B 17 9.39 23.50 -2.08
C SER B 17 9.86 22.46 -1.07
N VAL B 18 10.40 21.37 -1.60
CA VAL B 18 10.96 20.32 -0.76
C VAL B 18 12.12 19.69 -1.52
N LYS B 19 13.10 19.19 -0.77
CA LYS B 19 14.20 18.46 -1.36
C LYS B 19 14.30 17.10 -0.68
N MET B 20 14.34 16.04 -1.47
CA MET B 20 14.40 14.69 -0.96
C MET B 20 15.72 14.05 -1.38
N SER B 21 16.25 13.17 -0.53
CA SER B 21 17.57 12.61 -0.76
C SER B 21 17.52 11.09 -0.93
N CYS B 22 18.61 10.58 -1.50
CA CYS B 22 18.72 9.16 -1.81
C CYS B 22 20.20 8.79 -1.67
N LYS B 23 20.55 8.14 -0.57
CA LYS B 23 21.95 7.83 -0.29
C LYS B 23 22.29 6.43 -0.79
N ALA B 24 23.31 6.32 -1.62
CA ALA B 24 23.71 5.07 -2.25
C ALA B 24 24.92 4.46 -1.55
N SER B 25 24.93 3.14 -1.46
CA SER B 25 26.07 2.43 -0.91
C SER B 25 26.17 1.07 -1.57
N GLY B 26 27.36 0.48 -1.48
CA GLY B 26 27.59 -0.88 -1.93
C GLY B 26 27.98 -1.04 -3.38
N TYR B 27 28.32 0.06 -4.08
CA TYR B 27 28.76 0.00 -5.46
C TYR B 27 29.49 1.30 -5.77
N THR B 28 30.08 1.37 -6.96
CA THR B 28 30.82 2.57 -7.35
C THR B 28 29.82 3.64 -7.76
N PHE B 29 29.74 4.70 -6.96
CA PHE B 29 28.65 5.67 -7.07
C PHE B 29 28.58 6.31 -8.46
N THR B 30 29.73 6.64 -9.05
CA THR B 30 29.73 7.34 -10.32
C THR B 30 29.43 6.43 -11.52
N SER B 31 29.32 5.12 -11.30
CA SER B 31 29.19 4.20 -12.41
C SER B 31 27.76 4.06 -12.92
N TYR B 32 26.76 4.43 -12.12
CA TYR B 32 25.36 4.16 -12.45
C TYR B 32 24.51 5.40 -12.30
N VAL B 33 23.56 5.60 -13.23
CA VAL B 33 22.59 6.67 -13.06
C VAL B 33 21.54 6.25 -12.03
N ILE B 34 20.93 7.24 -11.39
CA ILE B 34 19.81 7.04 -10.48
C ILE B 34 18.62 7.80 -11.03
N HIS B 35 17.50 7.10 -11.20
CA HIS B 35 16.23 7.67 -11.66
C HIS B 35 15.33 8.01 -10.48
N TRP B 36 14.38 8.91 -10.72
CA TRP B 36 13.30 9.15 -9.77
C TRP B 36 11.96 8.82 -10.43
N VAL B 37 11.08 8.19 -9.65
CA VAL B 37 9.80 7.70 -10.14
C VAL B 37 8.71 8.17 -9.18
N LYS B 38 7.62 8.68 -9.74
CA LYS B 38 6.47 9.18 -8.96
C LYS B 38 5.36 8.13 -8.94
N GLN B 39 4.83 7.83 -7.75
CA GLN B 39 3.75 6.86 -7.60
C GLN B 39 2.67 7.57 -6.81
N LYS B 40 1.76 8.15 -7.52
CA LYS B 40 0.60 8.85 -6.97
C LYS B 40 -0.60 7.93 -7.07
N PRO B 41 -1.35 7.77 -5.99
CA PRO B 41 -2.56 6.93 -6.06
C PRO B 41 -3.46 7.31 -7.23
N GLY B 42 -3.97 6.29 -7.92
CA GLY B 42 -4.81 6.48 -9.07
C GLY B 42 -4.08 6.82 -10.35
N GLN B 43 -2.75 6.99 -10.30
CA GLN B 43 -1.98 7.44 -11.45
C GLN B 43 -0.77 6.56 -11.74
N GLY B 44 -0.78 5.30 -11.23
CA GLY B 44 0.24 4.33 -11.60
C GLY B 44 1.66 4.79 -11.24
N LEU B 45 2.57 4.62 -12.19
CA LEU B 45 3.97 5.01 -12.05
C LEU B 45 4.33 6.00 -13.16
N GLU B 46 5.20 6.96 -12.84
CA GLU B 46 5.63 7.97 -13.78
C GLU B 46 7.13 8.22 -13.62
N TRP B 47 7.86 8.25 -14.73
CA TRP B 47 9.31 8.46 -14.69
C TRP B 47 9.60 9.96 -14.77
N ILE B 48 10.39 10.47 -13.81
CA ILE B 48 10.67 11.90 -13.73
C ILE B 48 11.93 12.28 -14.49
N GLY B 49 12.99 11.49 -14.33
CA GLY B 49 14.27 11.79 -14.95
C GLY B 49 15.36 11.01 -14.24
N TYR B 50 16.60 11.20 -14.71
CA TYR B 50 17.73 10.61 -14.00
C TYR B 50 18.92 11.55 -14.02
N ILE B 51 19.88 11.27 -13.15
CA ILE B 51 21.13 12.01 -13.08
C ILE B 51 22.27 11.00 -13.08
N TYR B 52 23.36 11.35 -13.77
CA TYR B 52 24.53 10.51 -13.88
C TYR B 52 25.60 11.07 -12.96
N PRO B 53 25.89 10.46 -11.81
CA PRO B 53 26.79 11.13 -10.85
C PRO B 53 28.19 11.38 -11.39
N TYR B 54 28.63 10.58 -12.37
CA TYR B 54 29.98 10.73 -12.91
C TYR B 54 30.22 12.14 -13.44
N ASN B 55 29.23 12.73 -14.10
CA ASN B 55 29.38 14.05 -14.69
C ASN B 55 28.19 14.97 -14.42
N ASP B 56 27.28 14.57 -13.53
CA ASP B 56 26.11 15.36 -13.16
C ASP B 56 25.17 15.60 -14.34
N GLY B 57 25.30 14.84 -15.43
CA GLY B 57 24.39 15.00 -16.53
C GLY B 57 23.00 14.50 -16.17
N THR B 58 21.99 15.22 -16.65
CA THR B 58 20.59 14.91 -16.34
C THR B 58 19.79 14.74 -17.62
N ILE B 59 18.78 13.88 -17.56
CA ILE B 59 17.74 13.79 -18.57
C ILE B 59 16.41 13.87 -17.84
N TYR B 60 15.54 14.77 -18.29
CA TYR B 60 14.26 15.01 -17.62
C TYR B 60 13.11 14.62 -18.54
N ASN B 61 12.06 14.08 -17.93
CA ASN B 61 10.73 14.07 -18.53
C ASN B 61 10.25 15.51 -18.66
N GLU B 62 9.94 15.93 -19.89
CA GLU B 62 9.54 17.32 -20.13
C GLU B 62 8.43 17.76 -19.21
N LYS B 63 7.54 16.84 -18.82
CA LYS B 63 6.44 17.16 -17.93
C LYS B 63 6.92 17.74 -16.59
N PHE B 64 8.11 17.35 -16.14
CA PHE B 64 8.63 17.77 -14.85
C PHE B 64 9.69 18.85 -14.95
N LYS B 65 10.01 19.34 -16.15
CA LYS B 65 10.86 20.52 -16.25
C LYS B 65 10.14 21.71 -15.63
N GLY B 66 10.86 22.47 -14.82
CA GLY B 66 10.24 23.57 -14.11
C GLY B 66 9.49 23.13 -12.87
N LYS B 67 9.54 21.84 -12.54
CA LYS B 67 9.01 21.28 -11.33
C LYS B 67 10.08 20.57 -10.53
N ALA B 68 10.85 19.69 -11.17
CA ALA B 68 11.85 18.88 -10.49
C ALA B 68 13.26 19.26 -10.92
N THR B 69 14.19 19.26 -9.97
CA THR B 69 15.59 19.46 -10.26
C THR B 69 16.39 18.36 -9.58
N LEU B 70 17.19 17.64 -10.35
CA LEU B 70 18.02 16.58 -9.81
C LEU B 70 19.44 17.07 -9.63
N THR B 71 20.05 16.73 -8.49
CA THR B 71 21.44 17.05 -8.21
C THR B 71 22.12 15.82 -7.62
N SER B 72 23.45 15.89 -7.58
CA SER B 72 24.24 14.75 -7.14
C SER B 72 25.48 15.27 -6.42
N ASP B 73 25.89 14.56 -5.38
CA ASP B 73 27.09 14.90 -4.62
C ASP B 73 27.91 13.62 -4.45
N THR B 74 29.02 13.48 -5.18
CA THR B 74 29.75 12.22 -5.12
C THR B 74 30.44 12.02 -3.76
N SER B 75 30.88 13.10 -3.12
CA SER B 75 31.62 12.94 -1.88
C SER B 75 30.77 12.30 -0.79
N SER B 76 29.45 12.49 -0.85
CA SER B 76 28.54 11.85 0.09
C SER B 76 27.71 10.74 -0.56
N SER B 77 27.95 10.43 -1.83
CA SER B 77 27.25 9.33 -2.52
C SER B 77 25.74 9.47 -2.42
N THR B 78 25.26 10.68 -2.62
CA THR B 78 23.84 11.01 -2.47
C THR B 78 23.35 11.80 -3.67
N VAL B 79 22.16 11.45 -4.16
CA VAL B 79 21.48 12.27 -5.15
C VAL B 79 20.21 12.83 -4.51
N TYR B 80 19.74 13.92 -5.09
CA TYR B 80 18.64 14.71 -4.53
C TYR B 80 17.65 15.04 -5.63
N MET B 81 16.37 15.14 -5.24
CA MET B 81 15.36 15.70 -6.13
C MET B 81 14.67 16.83 -5.39
N GLU B 82 14.62 18.00 -6.02
CA GLU B 82 13.95 19.15 -5.45
C GLU B 82 12.71 19.48 -6.28
N LEU B 83 11.57 19.63 -5.60
CA LEU B 83 10.31 19.97 -6.24
C LEU B 83 9.89 21.34 -5.74
N ILE B 84 9.52 22.23 -6.66
CA ILE B 84 9.15 23.60 -6.33
C ILE B 84 7.69 23.83 -6.68
N SER B 85 7.15 24.95 -6.17
CA SER B 85 5.79 25.39 -6.46
C SER B 85 4.79 24.27 -6.22
N LEU B 86 4.89 23.65 -5.04
CA LEU B 86 4.14 22.42 -4.78
C LEU B 86 2.64 22.65 -4.79
N THR B 87 1.92 21.66 -5.33
CA THR B 87 0.47 21.58 -5.26
C THR B 87 0.09 20.18 -4.79
N ALA B 88 -1.20 20.01 -4.49
CA ALA B 88 -1.69 18.68 -4.13
C ALA B 88 -1.38 17.66 -5.19
N GLU B 89 -1.26 18.07 -6.45
CA GLU B 89 -0.90 17.13 -7.50
C GLU B 89 0.47 16.50 -7.29
N ASP B 90 1.35 17.17 -6.54
CA ASP B 90 2.67 16.64 -6.24
C ASP B 90 2.66 15.67 -5.06
N SER B 91 1.55 15.54 -4.35
CA SER B 91 1.47 14.52 -3.31
C SER B 91 1.62 13.15 -3.93
N ALA B 92 2.55 12.35 -3.42
CA ALA B 92 2.85 11.05 -3.99
C ALA B 92 3.89 10.35 -3.13
N VAL B 93 4.13 9.09 -3.45
CA VAL B 93 5.38 8.43 -3.07
C VAL B 93 6.40 8.64 -4.17
N TYR B 94 7.59 9.08 -3.80
CA TYR B 94 8.70 9.24 -4.74
C TYR B 94 9.76 8.19 -4.46
N TRP B 95 10.13 7.46 -5.50
CA TRP B 95 11.16 6.43 -5.43
C TRP B 95 12.43 6.93 -6.12
N CYS B 96 13.60 6.63 -5.55
CA CYS B 96 14.80 6.64 -6.38
C CYS B 96 15.14 5.21 -6.75
N VAL B 97 15.73 5.02 -7.92
CA VAL B 97 16.04 3.67 -8.37
C VAL B 97 17.33 3.70 -9.18
N ARG B 98 18.28 2.85 -8.82
CA ARG B 98 19.56 2.83 -9.49
C ARG B 98 19.46 2.00 -10.75
N GLU B 99 20.08 2.50 -11.82
CA GLU B 99 20.25 1.76 -13.06
C GLU B 99 20.63 0.32 -12.78
N ARG B 100 19.91 -0.60 -13.42
CA ARG B 100 20.08 -2.01 -13.10
C ARG B 100 21.39 -2.57 -13.64
N ASP B 101 21.83 -3.67 -13.03
CA ASP B 101 22.87 -4.50 -13.62
C ASP B 101 22.31 -5.90 -13.82
N ASN B 102 23.18 -6.89 -14.03
CA ASN B 102 22.70 -8.24 -14.28
C ASN B 102 22.10 -8.89 -13.04
N TYR B 103 22.35 -8.35 -11.85
CA TYR B 103 21.85 -8.98 -10.64
C TYR B 103 20.49 -8.45 -10.20
N GLY B 104 20.18 -7.20 -10.51
CA GLY B 104 18.92 -6.66 -10.03
C GLY B 104 18.75 -5.20 -10.39
N VAL B 105 17.58 -4.68 -10.03
CA VAL B 105 17.25 -3.27 -10.07
C VAL B 105 17.08 -2.82 -8.63
N TYR B 106 17.66 -1.69 -8.26
CA TYR B 106 17.84 -1.36 -6.85
C TYR B 106 17.03 -0.12 -6.53
N TRP B 107 15.90 -0.30 -5.86
CA TRP B 107 14.99 0.77 -5.48
C TRP B 107 15.25 1.22 -4.06
N GLY B 108 15.14 2.52 -3.82
CA GLY B 108 15.04 3.02 -2.46
C GLY B 108 13.73 2.56 -1.83
N GLN B 109 13.51 2.93 -0.57
CA GLN B 109 12.30 2.49 0.13
C GLN B 109 11.14 3.45 -0.10
N GLY B 110 11.36 4.53 -0.85
CA GLY B 110 10.34 5.52 -1.15
C GLY B 110 10.23 6.58 -0.08
N THR B 111 9.79 7.77 -0.50
CA THR B 111 9.52 8.91 0.39
C THR B 111 8.10 9.39 0.12
N THR B 112 7.27 9.47 1.17
CA THR B 112 5.90 9.95 1.04
C THR B 112 5.87 11.46 1.21
N LEU B 113 5.46 12.18 0.17
CA LEU B 113 5.29 13.63 0.22
C LEU B 113 3.81 13.95 0.25
N THR B 114 3.39 14.73 1.25
CA THR B 114 2.05 15.29 1.33
C THR B 114 2.15 16.80 1.17
N VAL B 115 1.40 17.36 0.22
CA VAL B 115 1.33 18.81 0.05
C VAL B 115 -0.03 19.25 0.55
N SER B 116 -0.06 19.99 1.65
CA SER B 116 -1.32 20.37 2.26
C SER B 116 -1.10 21.50 3.24
N SER B 117 -2.14 22.31 3.43
CA SER B 117 -2.10 23.32 4.49
C SER B 117 -2.61 22.80 5.82
N ALA B 118 -3.12 21.55 5.86
CA ALA B 118 -3.61 20.98 7.10
C ALA B 118 -2.47 20.74 8.09
N LYS B 119 -2.82 20.73 9.37
CA LYS B 119 -1.84 20.75 10.45
C LYS B 119 -1.45 19.34 10.87
N THR B 120 -0.15 19.14 11.09
CA THR B 120 0.35 17.91 11.70
C THR B 120 -0.34 17.68 13.04
N THR B 121 -0.92 16.48 13.21
CA THR B 121 -1.71 16.14 14.37
C THR B 121 -1.30 14.73 14.80
N PRO B 122 -0.94 14.54 16.06
CA PRO B 122 -0.51 13.20 16.48
C PRO B 122 -1.70 12.28 16.63
N PRO B 123 -1.49 10.96 16.60
CA PRO B 123 -2.59 10.01 16.67
C PRO B 123 -3.05 9.74 18.09
N SER B 124 -4.33 9.39 18.20
CA SER B 124 -4.86 8.75 19.40
C SER B 124 -4.89 7.24 19.15
N VAL B 125 -4.36 6.48 20.09
CA VAL B 125 -4.24 5.03 19.91
C VAL B 125 -5.19 4.36 20.91
N TYR B 126 -6.19 3.66 20.39
CA TYR B 126 -7.23 3.09 21.23
C TYR B 126 -7.15 1.57 21.21
N PRO B 127 -7.16 0.91 22.38
CA PRO B 127 -7.11 -0.55 22.39
C PRO B 127 -8.45 -1.15 21.98
N LEU B 128 -8.39 -2.25 21.24
CA LEU B 128 -9.61 -2.97 20.84
C LEU B 128 -9.59 -4.33 21.53
N ALA B 129 -10.36 -4.44 22.61
CA ALA B 129 -10.48 -5.69 23.34
C ALA B 129 -11.91 -6.20 23.25
N PRO B 130 -12.13 -7.51 23.27
CA PRO B 130 -13.49 -8.03 23.21
C PRO B 130 -14.36 -7.46 24.32
N GLY B 131 -15.66 -7.35 24.04
CA GLY B 131 -16.59 -6.91 25.06
C GLY B 131 -16.68 -7.90 26.21
N THR B 132 -17.20 -7.42 27.33
CA THR B 132 -17.36 -8.27 28.50
C THR B 132 -18.48 -9.28 28.27
N GLY B 133 -18.13 -10.56 28.31
CA GLY B 133 -19.10 -11.64 28.18
C GLY B 133 -19.41 -12.00 26.74
N ASP B 134 -18.63 -12.91 26.17
CA ASP B 134 -18.76 -13.31 24.76
C ASP B 134 -17.69 -14.33 24.44
N THR B 135 -17.89 -15.03 23.33
CA THR B 135 -16.88 -15.84 22.63
C THR B 135 -16.21 -16.84 23.58
N GLY B 136 -14.95 -17.16 23.32
CA GLY B 136 -14.21 -18.14 24.08
C GLY B 136 -13.05 -18.71 23.26
N SER B 137 -12.92 -20.03 23.25
CA SER B 137 -11.90 -20.71 22.45
C SER B 137 -12.12 -20.42 20.96
N SER B 138 -11.08 -20.63 20.16
CA SER B 138 -9.75 -21.08 20.56
C SER B 138 -8.69 -20.08 20.09
N MET B 139 -9.13 -19.15 19.25
CA MET B 139 -8.34 -17.99 18.89
C MET B 139 -9.08 -16.75 19.36
N VAL B 140 -8.35 -15.66 19.52
CA VAL B 140 -8.92 -14.38 19.93
C VAL B 140 -8.31 -13.29 19.06
N THR B 141 -9.14 -12.37 18.61
CA THR B 141 -8.71 -11.27 17.77
C THR B 141 -8.75 -9.99 18.59
N LEU B 142 -7.65 -9.26 18.59
CA LEU B 142 -7.52 -7.98 19.27
C LEU B 142 -7.19 -6.92 18.23
N GLY B 143 -7.11 -5.67 18.67
CA GLY B 143 -6.80 -4.64 17.70
C GLY B 143 -6.39 -3.33 18.34
N CYS B 144 -5.97 -2.41 17.48
CA CYS B 144 -5.74 -1.03 17.88
C CYS B 144 -6.35 -0.14 16.82
N LEU B 145 -7.05 0.89 17.27
CA LEU B 145 -7.62 1.91 16.41
C LEU B 145 -6.76 3.16 16.54
N VAL B 146 -6.23 3.63 15.43
CA VAL B 146 -5.27 4.73 15.39
C VAL B 146 -5.99 5.87 14.68
N LYS B 147 -6.43 6.87 15.45
CA LYS B 147 -7.41 7.82 14.94
C LYS B 147 -6.90 9.25 15.03
N GLY B 148 -7.26 10.05 14.03
CA GLY B 148 -7.15 11.49 14.18
C GLY B 148 -5.77 12.05 13.96
N TYR B 149 -4.99 11.47 13.06
CA TYR B 149 -3.62 11.90 12.83
C TYR B 149 -3.45 12.51 11.44
N PHE B 150 -2.39 13.30 11.31
CA PHE B 150 -2.05 13.86 10.00
C PHE B 150 -0.60 14.30 10.04
N PRO B 151 0.19 14.08 8.97
CA PRO B 151 -0.11 13.34 7.74
C PRO B 151 0.23 11.88 7.87
N GLU B 152 0.09 11.15 6.75
CA GLU B 152 0.68 9.83 6.61
C GLU B 152 2.20 9.96 6.56
N PRO B 153 2.94 8.89 6.90
CA PRO B 153 2.49 7.57 7.31
C PRO B 153 2.48 7.34 8.81
N VAL B 154 1.78 6.28 9.17
CA VAL B 154 1.88 5.66 10.49
C VAL B 154 2.26 4.21 10.28
N THR B 155 3.16 3.70 11.12
CA THR B 155 3.47 2.28 11.13
C THR B 155 2.92 1.64 12.39
N VAL B 156 2.46 0.39 12.26
CA VAL B 156 1.99 -0.38 13.40
C VAL B 156 2.72 -1.72 13.41
N THR B 157 3.24 -2.09 14.58
CA THR B 157 3.72 -3.44 14.83
C THR B 157 3.05 -3.95 16.10
N TRP B 158 3.19 -5.25 16.32
CA TRP B 158 2.64 -5.92 17.49
C TRP B 158 3.77 -6.63 18.22
N ASN B 159 3.91 -6.34 19.52
CA ASN B 159 4.99 -6.90 20.34
C ASN B 159 6.35 -6.64 19.67
N SER B 160 6.55 -5.40 19.24
CA SER B 160 7.80 -4.94 18.63
C SER B 160 8.17 -5.78 17.42
N GLY B 161 7.18 -6.34 16.73
CA GLY B 161 7.41 -7.13 15.55
C GLY B 161 7.48 -8.62 15.78
N SER B 162 7.45 -9.06 17.05
CA SER B 162 7.48 -10.49 17.36
C SER B 162 6.19 -11.17 16.93
N LEU B 163 5.09 -10.44 16.92
CA LEU B 163 3.82 -10.91 16.38
C LEU B 163 3.69 -10.32 14.99
N SER B 164 3.87 -11.14 13.97
CA SER B 164 3.76 -10.70 12.59
C SER B 164 2.73 -11.49 11.79
N SER B 165 2.59 -12.77 12.04
CA SER B 165 1.54 -13.53 11.38
C SER B 165 0.21 -13.30 12.10
N GLY B 166 -0.87 -13.41 11.34
CA GLY B 166 -2.16 -13.11 11.90
C GLY B 166 -2.42 -11.65 12.13
N VAL B 167 -1.59 -10.76 11.60
CA VAL B 167 -1.79 -9.31 11.71
C VAL B 167 -2.43 -8.79 10.43
N HIS B 168 -3.46 -7.95 10.56
CA HIS B 168 -4.03 -7.21 9.43
C HIS B 168 -3.98 -5.73 9.79
N THR B 169 -3.14 -4.96 9.11
CA THR B 169 -3.12 -3.52 9.29
C THR B 169 -3.81 -2.92 8.08
N PHE B 170 -4.85 -2.14 8.34
CA PHE B 170 -5.73 -1.68 7.27
C PHE B 170 -5.27 -0.31 6.78
N PRO B 171 -5.34 -0.07 5.46
CA PRO B 171 -4.96 1.25 4.94
C PRO B 171 -5.73 2.36 5.61
N ALA B 172 -5.03 3.46 5.88
CA ALA B 172 -5.67 4.61 6.50
C ALA B 172 -6.63 5.26 5.53
N VAL B 173 -7.66 5.90 6.09
CA VAL B 173 -8.63 6.65 5.30
C VAL B 173 -8.70 8.08 5.83
N LEU B 174 -8.73 9.05 4.90
CA LEU B 174 -8.71 10.45 5.25
C LEU B 174 -10.13 10.99 5.30
N GLN B 175 -10.49 11.63 6.42
CA GLN B 175 -11.77 12.32 6.56
C GLN B 175 -11.50 13.65 7.23
N SER B 176 -11.93 14.74 6.61
CA SER B 176 -11.84 16.07 7.21
C SER B 176 -10.42 16.36 7.71
N ASP B 177 -9.44 16.04 6.86
CA ASP B 177 -8.03 16.34 7.09
C ASP B 177 -7.41 15.53 8.22
N LEU B 178 -8.07 14.46 8.67
CA LEU B 178 -7.47 13.56 9.64
C LEU B 178 -7.63 12.12 9.19
N TYR B 179 -6.59 11.32 9.42
CA TYR B 179 -6.57 9.92 9.02
C TYR B 179 -7.00 9.03 10.18
N THR B 180 -7.62 7.91 9.82
CA THR B 180 -7.89 6.84 10.76
C THR B 180 -7.44 5.52 10.16
N LEU B 181 -6.78 4.71 10.97
CA LEU B 181 -6.27 3.42 10.57
C LEU B 181 -6.57 2.44 11.70
N SER B 182 -6.65 1.16 11.36
CA SER B 182 -6.82 0.14 12.38
C SER B 182 -5.93 -1.04 12.05
N SER B 183 -5.64 -1.84 13.07
CA SER B 183 -4.84 -3.03 12.91
C SER B 183 -5.41 -4.11 13.82
N SER B 184 -5.61 -5.29 13.28
CA SER B 184 -6.06 -6.42 14.07
C SER B 184 -4.93 -7.43 14.20
N VAL B 185 -4.95 -8.18 15.29
CA VAL B 185 -4.03 -9.31 15.45
C VAL B 185 -4.82 -10.46 16.04
N THR B 186 -4.59 -11.66 15.51
CA THR B 186 -5.28 -12.86 15.96
C THR B 186 -4.23 -13.81 16.53
N VAL B 187 -4.40 -14.17 17.79
CA VAL B 187 -3.45 -15.03 18.49
C VAL B 187 -4.24 -16.20 19.06
N THR B 188 -3.52 -17.25 19.42
CA THR B 188 -4.15 -18.34 20.14
C THR B 188 -4.65 -17.83 21.49
N SER B 189 -5.82 -18.33 21.91
CA SER B 189 -6.34 -17.96 23.22
C SER B 189 -5.37 -18.27 24.35
N SER B 190 -4.45 -19.21 24.14
CA SER B 190 -3.47 -19.50 25.17
C SER B 190 -2.38 -18.44 25.26
N THR B 191 -2.32 -17.50 24.32
CA THR B 191 -1.33 -16.43 24.37
C THR B 191 -1.82 -15.23 25.18
N TRP B 192 -3.08 -14.84 25.03
CA TRP B 192 -3.66 -13.64 25.61
C TRP B 192 -4.93 -14.01 26.38
N PRO B 193 -5.14 -13.43 27.57
CA PRO B 193 -4.30 -12.42 28.22
C PRO B 193 -3.12 -12.94 29.05
N SER B 194 -2.75 -14.21 28.92
CA SER B 194 -1.64 -14.75 29.72
C SER B 194 -0.35 -14.01 29.44
N GLN B 195 -0.06 -13.75 28.17
CA GLN B 195 1.11 -12.98 27.78
C GLN B 195 0.67 -11.62 27.28
N THR B 196 1.59 -10.67 27.33
CA THR B 196 1.27 -9.30 26.93
C THR B 196 1.14 -9.22 25.42
N ILE B 197 0.16 -8.46 24.96
CA ILE B 197 0.00 -8.11 23.56
C ILE B 197 -0.10 -6.60 23.49
N THR B 198 0.82 -5.98 22.75
CA THR B 198 0.96 -4.54 22.66
C THR B 198 1.04 -4.12 21.21
N CYS B 199 0.26 -3.13 20.82
CA CYS B 199 0.46 -2.52 19.51
C CYS B 199 1.41 -1.34 19.65
N ASN B 200 2.38 -1.28 18.75
CA ASN B 200 3.37 -0.21 18.73
C ASN B 200 3.07 0.69 17.55
N VAL B 201 2.73 1.94 17.81
CA VAL B 201 2.34 2.88 16.77
C VAL B 201 3.41 3.95 16.67
N ALA B 202 3.88 4.20 15.45
CA ALA B 202 4.85 5.26 15.21
C ALA B 202 4.28 6.26 14.21
N HIS B 203 4.37 7.54 14.55
CA HIS B 203 3.96 8.63 13.65
C HIS B 203 5.14 9.58 13.49
N PRO B 204 6.03 9.32 12.53
CA PRO B 204 7.24 10.14 12.38
C PRO B 204 6.99 11.64 12.29
N ALA B 205 5.92 12.07 11.61
CA ALA B 205 5.68 13.49 11.42
C ALA B 205 5.55 14.26 12.73
N SER B 206 4.97 13.63 13.77
CA SER B 206 4.82 14.31 15.05
C SER B 206 5.82 13.82 16.09
N SER B 207 6.81 13.04 15.67
CA SER B 207 7.86 12.53 16.56
C SER B 207 7.27 11.71 17.70
N THR B 208 6.27 10.89 17.38
CA THR B 208 5.49 10.17 18.38
C THR B 208 5.67 8.67 18.21
N LYS B 209 5.86 7.97 19.32
CA LYS B 209 5.69 6.53 19.38
C LYS B 209 4.76 6.22 20.55
N VAL B 210 3.79 5.34 20.32
CA VAL B 210 2.86 4.93 21.37
C VAL B 210 2.84 3.40 21.44
N ASP B 211 2.99 2.87 22.65
CA ASP B 211 2.73 1.46 22.94
C ASP B 211 1.42 1.37 23.71
N LYS B 212 0.49 0.57 23.21
CA LYS B 212 -0.78 0.37 23.90
C LYS B 212 -0.90 -1.12 24.20
N LYS B 213 -0.76 -1.49 25.46
CA LYS B 213 -1.02 -2.87 25.86
C LYS B 213 -2.52 -3.14 25.83
N ILE B 214 -2.91 -4.28 25.27
CA ILE B 214 -4.32 -4.67 25.23
C ILE B 214 -4.66 -5.45 26.50
N VAL B 215 -5.55 -4.88 27.32
CA VAL B 215 -5.94 -5.46 28.60
C VAL B 215 -7.41 -5.89 28.50
N PRO B 216 -7.81 -6.98 29.14
CA PRO B 216 -9.23 -7.37 29.11
C PRO B 216 -10.12 -6.27 29.69
N GLU B 217 -11.36 -6.25 29.20
CA GLU B 217 -12.36 -5.29 29.68
C GLU B 217 -13.08 -5.86 30.91
N SER C 26 22.13 3.11 -26.67
CA SER C 26 21.50 2.23 -25.69
C SER C 26 21.04 3.02 -24.46
N PRO C 27 19.75 2.93 -24.12
CA PRO C 27 19.22 3.74 -23.02
C PRO C 27 19.82 3.34 -21.68
N ARG C 28 19.98 4.34 -20.81
CA ARG C 28 20.28 4.07 -19.41
C ARG C 28 19.02 3.49 -18.77
N HIS C 29 19.04 2.21 -18.49
CA HIS C 29 17.82 1.56 -18.05
C HIS C 29 17.50 1.96 -16.63
N LEU C 30 16.24 1.78 -16.27
CA LEU C 30 15.78 1.89 -14.93
C LEU C 30 16.60 1.16 -13.92
N NH2 C 31 17.08 -0.07 -14.10
C1 GOL D . 6.28 -13.19 -8.43
O1 GOL D . 6.28 -14.56 -8.24
C2 GOL D . 7.76 -12.73 -8.55
O2 GOL D . 8.36 -12.61 -7.31
C3 GOL D . 8.44 -13.80 -9.40
O3 GOL D . 9.57 -13.20 -9.94
C1 GOL E . 20.06 -8.64 -18.17
O1 GOL E . 21.34 -8.75 -17.64
C2 GOL E . 19.69 -7.13 -18.31
O2 GOL E . 20.14 -6.34 -17.23
C3 GOL E . 20.30 -6.69 -19.66
O3 GOL E . 19.80 -5.42 -19.95
C1 GOL F . -0.61 11.20 21.75
O1 GOL F . 0.08 10.67 20.63
C2 GOL F . 0.20 12.41 22.31
O2 GOL F . 0.60 12.18 23.62
C3 GOL F . 1.44 12.57 21.35
O3 GOL F . 1.81 13.94 21.34
P PO4 G . 20.63 -3.53 -23.49
O1 PO4 G . 21.83 -3.98 -22.68
O2 PO4 G . 20.57 -2.02 -23.48
O3 PO4 G . 20.77 -3.97 -24.94
O4 PO4 G . 19.37 -4.11 -22.91
#